data_5E7B
#
_entry.id   5E7B
#
_cell.length_a   52.080
_cell.length_b   52.080
_cell.length_c   162.690
_cell.angle_alpha   90.00
_cell.angle_beta   90.00
_cell.angle_gamma   120.00
#
_symmetry.space_group_name_H-M   'P 65 2 2'
#
loop_
_entity.id
_entity.type
_entity.pdbx_description
1 polymer 'nanobody nano-L06'
2 water water
#
_entity_poly.entity_id   1
_entity_poly.type   'polypeptide(L)'
_entity_poly.pdbx_seq_one_letter_code
;QVQLVESGGGSVQAGGSLRLSCTASGFTFDDSDMGWYHQAPGNECELVSAIFSDGSTYYADSVKGRFTISRDNAKNTVYL
QMNSLKPEDTAMYYCAAATTTVASPPVRHVCNGYWGQGTQVTVSSHHHHHH
;
_entity_poly.pdbx_strand_id   A
#
# COMPACT_ATOMS: atom_id res chain seq x y z
N GLN A 1 -17.21 0.52 -9.88
N GLN A 1 -16.92 2.25 -9.58
CA GLN A 1 -16.64 -0.47 -8.98
CA GLN A 1 -16.43 1.21 -8.68
C GLN A 1 -15.31 0.02 -8.47
C GLN A 1 -15.01 1.57 -8.26
N VAL A 2 -15.04 -0.22 -7.21
N VAL A 2 -14.69 1.35 -6.98
CA VAL A 2 -13.77 0.22 -6.65
CA VAL A 2 -13.33 1.51 -6.51
C VAL A 2 -12.63 -0.52 -7.35
C VAL A 2 -12.44 0.51 -7.23
N GLN A 3 -11.65 0.26 -7.83
N GLN A 3 -11.45 1.02 -7.94
CA GLN A 3 -10.49 -0.24 -8.54
CA GLN A 3 -10.47 0.15 -8.60
C GLN A 3 -9.25 0.54 -8.13
C GLN A 3 -9.10 0.65 -8.27
N LEU A 4 -8.25 -0.21 -7.72
CA LEU A 4 -6.91 0.25 -7.39
C LEU A 4 -5.93 -0.49 -8.27
N VAL A 5 -4.94 0.25 -8.75
CA VAL A 5 -3.91 -0.33 -9.60
C VAL A 5 -2.55 0.00 -9.04
N GLU A 6 -1.92 -1.01 -8.45
CA GLU A 6 -0.62 -0.89 -7.84
C GLU A 6 0.47 -1.13 -8.88
N SER A 7 1.58 -0.43 -8.71
CA SER A 7 2.76 -0.66 -9.51
C SER A 7 3.99 -0.21 -8.71
N GLY A 8 5.16 -0.45 -9.28
CA GLY A 8 6.40 0.05 -8.71
C GLY A 8 7.16 -0.95 -7.87
N GLY A 9 6.60 -2.13 -7.64
CA GLY A 9 7.32 -3.20 -6.99
C GLY A 9 8.50 -3.65 -7.82
N GLY A 10 9.29 -4.56 -7.26
CA GLY A 10 10.45 -5.07 -7.95
C GLY A 10 11.20 -6.07 -7.10
N SER A 11 12.38 -6.42 -7.58
CA SER A 11 13.25 -7.39 -6.96
C SER A 11 14.57 -6.70 -6.71
N VAL A 12 14.92 -6.55 -5.44
CA VAL A 12 16.07 -5.75 -5.04
C VAL A 12 16.90 -6.50 -4.02
N GLN A 13 18.09 -5.99 -3.77
CA GLN A 13 18.94 -6.52 -2.71
C GLN A 13 18.63 -5.77 -1.41
N ALA A 14 18.89 -6.43 -0.28
CA ALA A 14 18.75 -5.78 1.02
C ALA A 14 19.51 -4.47 0.99
N GLY A 15 18.88 -3.44 1.52
CA GLY A 15 19.42 -2.09 1.52
C GLY A 15 18.95 -1.24 0.37
N GLY A 16 18.29 -1.86 -0.61
CA GLY A 16 17.82 -1.14 -1.78
C GLY A 16 16.53 -0.37 -1.54
N SER A 17 15.96 0.16 -2.61
CA SER A 17 14.78 1.00 -2.50
CA SER A 17 14.77 1.01 -2.51
C SER A 17 13.80 0.76 -3.66
N LEU A 18 12.54 1.06 -3.42
CA LEU A 18 11.48 0.99 -4.43
C LEU A 18 10.52 2.14 -4.15
N ARG A 19 9.77 2.56 -5.15
CA ARG A 19 8.68 3.50 -4.96
C ARG A 19 7.40 2.91 -5.53
N LEU A 20 6.46 2.60 -4.65
CA LEU A 20 5.19 2.03 -5.10
C LEU A 20 4.22 3.15 -5.42
N SER A 21 3.33 2.88 -6.38
CA SER A 21 2.26 3.79 -6.77
C SER A 21 0.94 3.01 -6.80
N CYS A 22 -0.14 3.71 -6.49
CA CYS A 22 -1.48 3.14 -6.51
CA CYS A 22 -1.48 3.15 -6.50
C CYS A 22 -2.41 4.19 -7.11
N THR A 23 -3.01 3.89 -8.26
CA THR A 23 -3.97 4.81 -8.87
C THR A 23 -5.37 4.30 -8.58
N ALA A 24 -6.37 5.17 -8.36
N ALA A 24 -6.18 5.30 -8.27
CA ALA A 24 -7.67 4.71 -7.81
CA ALA A 24 -7.51 5.14 -7.78
C ALA A 24 -8.96 5.09 -8.61
C ALA A 24 -8.40 5.80 -8.79
N SER A 25 -9.96 4.21 -8.59
N SER A 25 -9.30 5.01 -9.33
CA SER A 25 -11.26 4.50 -9.21
CA SER A 25 -10.34 5.55 -10.16
C SER A 25 -12.40 3.86 -8.44
C SER A 25 -11.65 5.12 -9.53
N GLY A 26 -13.60 4.39 -8.60
N GLY A 26 -12.72 5.81 -9.88
CA GLY A 26 -14.81 3.73 -8.13
CA GLY A 26 -14.04 5.37 -9.46
C GLY A 26 -15.29 4.15 -6.76
C GLY A 26 -14.50 5.65 -8.03
N PHE A 27 -14.60 5.09 -6.14
N PHE A 27 -13.78 6.49 -7.27
CA PHE A 27 -14.98 5.62 -4.84
CA PHE A 27 -14.31 6.91 -5.96
C PHE A 27 -14.42 7.04 -4.81
C PHE A 27 -13.79 8.26 -5.52
N THR A 28 -14.70 7.81 -3.76
N THR A 28 -14.46 8.94 -4.59
CA THR A 28 -14.26 9.21 -3.72
CA THR A 28 -14.00 10.24 -4.08
C THR A 28 -12.81 9.37 -3.18
C THR A 28 -12.78 9.98 -3.26
N PHE A 29 -11.78 9.67 -4.02
CA PHE A 29 -10.40 9.61 -3.55
C PHE A 29 -9.96 10.71 -2.57
N ASP A 30 -10.21 12.00 -2.86
CA ASP A 30 -9.62 13.07 -2.03
CA ASP A 30 -9.66 13.07 -2.01
C ASP A 30 -10.18 13.02 -0.60
N ASP A 31 -11.36 12.42 -0.45
CA ASP A 31 -12.03 12.32 0.84
C ASP A 31 -11.69 11.02 1.57
N SER A 32 -10.86 10.19 0.95
CA SER A 32 -10.57 8.85 1.48
C SER A 32 -9.25 8.78 2.20
N ASP A 33 -9.26 8.07 3.32
CA ASP A 33 -8.03 7.67 4.00
C ASP A 33 -7.50 6.43 3.27
N MET A 34 -6.22 6.44 2.92
CA MET A 34 -5.64 5.39 2.08
C MET A 34 -4.54 4.66 2.80
N GLY A 35 -4.44 3.36 2.56
CA GLY A 35 -3.44 2.53 3.20
C GLY A 35 -2.73 1.63 2.24
N TRP A 36 -1.48 1.33 2.58
CA TRP A 36 -0.71 0.26 1.95
C TRP A 36 -0.61 -0.91 2.91
N TYR A 37 -0.99 -2.08 2.43
CA TYR A 37 -1.00 -3.33 3.17
C TYR A 37 0.00 -4.26 2.52
N HIS A 38 0.41 -5.29 3.23
CA HIS A 38 1.30 -6.26 2.65
C HIS A 38 1.08 -7.58 3.26
N GLN A 39 1.46 -8.58 2.47
CA GLN A 39 1.38 -9.95 2.91
C GLN A 39 2.41 -10.82 2.21
N ALA A 40 3.27 -11.46 3.00
CA ALA A 40 4.18 -12.49 2.51
C ALA A 40 3.51 -13.84 2.77
N PRO A 41 3.95 -14.91 2.08
CA PRO A 41 3.36 -16.24 2.32
C PRO A 41 3.37 -16.59 3.82
N GLY A 42 2.23 -17.01 4.32
CA GLY A 42 2.10 -17.44 5.71
C GLY A 42 1.81 -16.35 6.72
N ASN A 43 1.88 -15.09 6.29
CA ASN A 43 1.65 -13.95 7.18
C ASN A 43 0.25 -13.37 7.03
N GLU A 44 -0.19 -12.62 8.03
CA GLU A 44 -1.44 -11.90 7.94
C GLU A 44 -1.33 -10.69 7.03
N CYS A 45 -2.47 -10.18 6.60
CA CYS A 45 -2.52 -8.90 5.88
C CYS A 45 -2.32 -7.79 6.89
N GLU A 46 -1.18 -7.12 6.80
CA GLU A 46 -0.80 -6.09 7.77
C GLU A 46 -0.62 -4.73 7.12
N LEU A 47 -1.17 -3.71 7.76
CA LEU A 47 -0.98 -2.34 7.34
C LEU A 47 0.50 -1.95 7.50
N VAL A 48 1.03 -1.38 6.45
CA VAL A 48 2.38 -0.84 6.45
C VAL A 48 2.36 0.67 6.76
N SER A 49 1.48 1.39 6.08
CA SER A 49 1.38 2.82 6.29
CA SER A 49 1.44 2.84 6.19
C SER A 49 0.05 3.33 5.78
N ALA A 50 -0.44 4.37 6.43
CA ALA A 50 -1.68 5.01 6.03
C ALA A 50 -1.47 6.50 5.91
N ILE A 51 -2.21 7.09 4.98
CA ILE A 51 -2.27 8.54 4.86
C ILE A 51 -3.72 8.93 4.87
N PHE A 52 -4.08 9.71 5.86
CA PHE A 52 -5.45 10.10 6.05
C PHE A 52 -5.77 11.26 5.12
N SER A 53 -7.04 11.56 4.95
CA SER A 53 -7.43 12.63 4.03
C SER A 53 -6.92 14.00 4.51
N ASP A 54 -6.64 14.13 5.80
CA ASP A 54 -6.04 15.36 6.34
C ASP A 54 -4.52 15.45 6.15
N GLY A 55 -3.92 14.44 5.53
CA GLY A 55 -2.51 14.47 5.21
C GLY A 55 -1.60 13.93 6.30
N SER A 56 -2.17 13.60 7.45
CA SER A 56 -1.39 12.97 8.50
C SER A 56 -1.16 11.52 8.14
N THR A 57 -0.20 10.90 8.83
CA THR A 57 0.23 9.57 8.46
C THR A 57 0.27 8.64 9.66
N TYR A 58 0.27 7.35 9.36
CA TYR A 58 0.55 6.29 10.32
C TYR A 58 1.56 5.35 9.68
N TYR A 59 2.55 4.93 10.46
CA TYR A 59 3.51 3.93 10.03
C TYR A 59 3.55 2.78 11.00
N ALA A 60 3.55 1.55 10.50
CA ALA A 60 3.86 0.40 11.31
C ALA A 60 5.23 0.59 11.93
N ASP A 61 5.39 0.09 13.14
CA ASP A 61 6.64 0.31 13.86
C ASP A 61 7.85 -0.19 13.07
N SER A 62 7.65 -1.28 12.32
CA SER A 62 8.71 -1.93 11.58
C SER A 62 9.21 -1.11 10.40
N VAL A 63 8.48 -0.08 9.98
CA VAL A 63 8.87 0.68 8.78
C VAL A 63 9.10 2.18 9.05
N LYS A 64 8.77 2.63 10.26
CA LYS A 64 9.00 4.01 10.65
C LYS A 64 10.47 4.40 10.38
N GLY A 65 10.64 5.49 9.66
CA GLY A 65 11.96 5.99 9.33
C GLY A 65 12.53 5.41 8.05
N ARG A 66 11.95 4.32 7.53
CA ARG A 66 12.40 3.73 6.29
C ARG A 66 11.46 4.03 5.13
N PHE A 67 10.15 4.05 5.41
CA PHE A 67 9.16 4.26 4.37
C PHE A 67 8.46 5.61 4.56
N THR A 68 8.04 6.21 3.46
CA THR A 68 7.29 7.46 3.48
C THR A 68 6.09 7.33 2.55
N ILE A 69 4.91 7.57 3.09
CA ILE A 69 3.67 7.54 2.32
C ILE A 69 3.30 8.98 1.96
N SER A 70 2.72 9.14 0.77
CA SER A 70 2.25 10.44 0.30
C SER A 70 1.11 10.23 -0.66
N ARG A 71 0.41 11.30 -1.00
CA ARG A 71 -0.68 11.24 -1.95
C ARG A 71 -0.67 12.47 -2.85
N ASP A 72 -1.22 12.30 -4.05
CA ASP A 72 -1.46 13.41 -4.95
C ASP A 72 -2.92 13.32 -5.37
N ASN A 73 -3.74 14.12 -4.71
CA ASN A 73 -5.18 14.11 -4.94
C ASN A 73 -5.53 14.44 -6.39
N ALA A 74 -4.77 15.36 -6.98
CA ALA A 74 -5.02 15.77 -8.36
C ALA A 74 -4.83 14.61 -9.35
N LYS A 75 -4.02 13.64 -8.97
CA LYS A 75 -3.75 12.47 -9.80
C LYS A 75 -4.39 11.18 -9.25
N ASN A 76 -5.16 11.29 -8.18
CA ASN A 76 -5.81 10.12 -7.58
CA ASN A 76 -5.81 10.14 -7.58
C ASN A 76 -4.80 9.01 -7.33
N THR A 77 -3.65 9.38 -6.78
CA THR A 77 -2.56 8.44 -6.59
C THR A 77 -2.01 8.49 -5.17
N VAL A 78 -1.66 7.31 -4.64
CA VAL A 78 -0.97 7.17 -3.37
C VAL A 78 0.40 6.57 -3.67
N TYR A 79 1.43 7.03 -2.96
CA TYR A 79 2.78 6.53 -3.16
C TYR A 79 3.35 5.99 -1.88
N LEU A 80 4.25 5.03 -2.02
CA LEU A 80 5.03 4.55 -0.88
C LEU A 80 6.51 4.50 -1.27
N GLN A 81 7.30 5.41 -0.71
CA GLN A 81 8.73 5.38 -0.92
C GLN A 81 9.33 4.43 0.10
N MET A 82 9.97 3.37 -0.36
CA MET A 82 10.51 2.33 0.50
CA MET A 82 10.51 2.35 0.51
C MET A 82 12.02 2.35 0.44
N ASN A 83 12.67 2.83 1.49
CA ASN A 83 14.14 2.84 1.58
C ASN A 83 14.62 1.77 2.54
N SER A 84 15.91 1.46 2.46
CA SER A 84 16.56 0.51 3.36
C SER A 84 15.78 -0.78 3.45
N LEU A 85 15.43 -1.34 2.30
CA LEU A 85 14.62 -2.54 2.28
C LEU A 85 15.31 -3.72 2.95
N LYS A 86 14.50 -4.56 3.58
CA LYS A 86 14.97 -5.71 4.32
C LYS A 86 14.30 -6.95 3.76
N PRO A 87 14.95 -8.13 3.88
CA PRO A 87 14.29 -9.32 3.38
C PRO A 87 12.88 -9.53 3.95
N GLU A 88 12.69 -9.12 5.20
N GLU A 88 12.67 -9.13 5.19
CA GLU A 88 11.41 -9.21 5.91
CA GLU A 88 11.37 -9.31 5.83
C GLU A 88 10.30 -8.44 5.19
C GLU A 88 10.28 -8.42 5.21
N ASP A 89 10.67 -7.45 4.38
CA ASP A 89 9.72 -6.64 3.65
C ASP A 89 9.16 -7.34 2.42
N THR A 90 9.75 -8.47 2.04
CA THR A 90 9.27 -9.25 0.90
C THR A 90 7.81 -9.61 1.08
N ALA A 91 6.98 -9.28 0.09
CA ALA A 91 5.54 -9.48 0.15
C ALA A 91 4.88 -8.94 -1.09
N MET A 92 3.62 -9.33 -1.30
N MET A 92 3.63 -9.32 -1.32
CA MET A 92 2.72 -8.57 -2.15
CA MET A 92 2.77 -8.58 -2.24
C MET A 92 2.28 -7.34 -1.39
C MET A 92 2.18 -7.39 -1.47
N TYR A 93 2.27 -6.21 -2.07
CA TYR A 93 1.77 -4.96 -1.49
C TYR A 93 0.50 -4.51 -2.21
N TYR A 94 -0.47 -4.09 -1.42
CA TYR A 94 -1.79 -3.72 -1.90
C TYR A 94 -2.20 -2.40 -1.33
N CYS A 95 -2.90 -1.63 -2.14
CA CYS A 95 -3.42 -0.37 -1.68
CA CYS A 95 -3.47 -0.36 -1.69
CA CYS A 95 -3.45 -0.37 -1.62
C CYS A 95 -4.94 -0.52 -1.42
N ALA A 96 -5.48 0.30 -0.51
CA ALA A 96 -6.90 0.22 -0.20
C ALA A 96 -7.36 1.49 0.46
N ALA A 97 -8.66 1.77 0.36
CA ALA A 97 -9.27 2.79 1.17
C ALA A 97 -9.59 2.14 2.50
N ALA A 98 -8.54 1.84 3.23
CA ALA A 98 -8.61 1.18 4.53
C ALA A 98 -7.35 1.59 5.23
N THR A 99 -7.46 1.86 6.54
CA THR A 99 -6.33 2.39 7.29
C THR A 99 -6.23 1.80 8.70
N THR A 100 -6.84 0.65 8.94
CA THR A 100 -6.80 0.01 10.24
CA THR A 100 -6.78 0.01 10.24
C THR A 100 -5.84 -1.19 10.24
N THR A 101 -5.27 -1.49 11.40
CA THR A 101 -4.33 -2.59 11.56
C THR A 101 -5.00 -3.90 11.93
N VAL A 102 -6.21 -3.79 12.50
CA VAL A 102 -6.94 -4.93 13.01
C VAL A 102 -7.32 -5.88 11.89
N ALA A 103 -6.99 -7.14 12.09
CA ALA A 103 -7.47 -8.19 11.21
C ALA A 103 -8.98 -8.16 11.31
N SER A 104 -9.63 -7.80 10.20
CA SER A 104 -11.08 -7.77 10.11
C SER A 104 -11.41 -8.16 8.69
N PRO A 105 -12.68 -8.45 8.41
CA PRO A 105 -13.00 -8.87 7.04
C PRO A 105 -12.56 -7.86 5.99
N PRO A 106 -12.78 -6.55 6.21
CA PRO A 106 -12.34 -5.55 5.23
C PRO A 106 -10.83 -5.56 4.97
N VAL A 107 -10.04 -5.71 6.04
CA VAL A 107 -8.59 -5.76 5.88
C VAL A 107 -8.18 -7.05 5.15
N ARG A 108 -8.73 -8.19 5.56
CA ARG A 108 -8.32 -9.45 4.97
C ARG A 108 -8.62 -9.41 3.49
N HIS A 109 -9.73 -8.77 3.12
CA HIS A 109 -10.06 -8.70 1.72
C HIS A 109 -8.97 -7.99 0.94
N VAL A 110 -8.30 -7.00 1.54
CA VAL A 110 -7.29 -6.25 0.81
C VAL A 110 -6.20 -7.19 0.27
N CYS A 111 -5.59 -8.00 1.14
CA CYS A 111 -4.51 -8.87 0.70
C CYS A 111 -4.99 -10.10 -0.04
N ASN A 112 -6.30 -10.30 -0.13
CA ASN A 112 -6.87 -11.33 -0.98
C ASN A 112 -7.02 -10.81 -2.40
N GLY A 113 -6.66 -9.55 -2.64
CA GLY A 113 -6.73 -8.96 -3.97
C GLY A 113 -8.15 -8.57 -4.38
N TYR A 114 -8.98 -8.25 -3.40
CA TYR A 114 -10.38 -7.92 -3.69
CA TYR A 114 -10.37 -7.93 -3.67
C TYR A 114 -10.52 -6.67 -4.53
N TRP A 115 -9.66 -5.67 -4.28
CA TRP A 115 -9.74 -4.37 -4.97
C TRP A 115 -8.67 -4.09 -6.00
N GLY A 116 -7.62 -4.90 -6.03
CA GLY A 116 -6.52 -4.68 -6.93
C GLY A 116 -5.60 -5.86 -6.91
N GLN A 117 -4.75 -5.96 -7.92
CA GLN A 117 -3.87 -7.11 -8.08
C GLN A 117 -2.64 -7.04 -7.21
N GLY A 118 -2.32 -5.87 -6.67
CA GLY A 118 -1.11 -5.71 -5.88
C GLY A 118 0.15 -5.60 -6.73
N THR A 119 1.26 -5.35 -6.06
CA THR A 119 2.56 -5.29 -6.71
C THR A 119 3.58 -6.04 -5.86
N GLN A 120 4.37 -6.89 -6.49
CA GLN A 120 5.29 -7.74 -5.74
C GLN A 120 6.56 -6.99 -5.36
N VAL A 121 6.99 -7.16 -4.11
CA VAL A 121 8.25 -6.65 -3.62
C VAL A 121 9.05 -7.84 -3.12
N THR A 122 10.23 -8.06 -3.69
CA THR A 122 11.10 -9.16 -3.26
C THR A 122 12.46 -8.57 -2.93
N VAL A 123 12.91 -8.85 -1.70
CA VAL A 123 14.16 -8.30 -1.20
C VAL A 123 15.04 -9.47 -0.78
N SER A 124 16.19 -9.58 -1.42
CA SER A 124 17.04 -10.75 -1.22
C SER A 124 18.24 -10.40 -0.37
N SER A 125 18.60 -11.32 0.51
CA SER A 125 19.79 -11.19 1.34
C SER A 125 21.06 -11.07 0.49
N HIS A 126 22.08 -10.43 1.05
CA HIS A 126 23.34 -10.24 0.35
C HIS A 126 24.38 -11.25 0.82
#